data_3REX
#
_entry.id   3REX
#
_cell.length_a   58.380
_cell.length_b   60.930
_cell.length_c   155.800
_cell.angle_alpha   90.00
_cell.angle_beta   90.00
_cell.angle_gamma   90.00
#
_symmetry.space_group_name_H-M   'P 21 21 21'
#
loop_
_entity.id
_entity.type
_entity.pdbx_description
1 polymer 'AsnS-like asparaginyl-tRNA synthetase related protein'
2 non-polymer 'ADENOSINE MONOPHOSPHATE'
3 non-polymer 'MAGNESIUM ION'
4 water water
#
_entity_poly.entity_id   1
_entity_poly.type   'polypeptide(L)'
_entity_poly.pdbx_seq_one_letter_code
;MNAVEIISRDIYKAIDIQTKILDYMTKFFTDRGFKWLLPIMLSPITDPLWPDPAGEGIRPAEVDVYGVRMRLTHSMILHK
QLAIAMGLEKIFVLSPNIRLESRRKDDGRHSYEFTQLDFEIEGAKMKDVMRLIEELIYGLFRKAEEWTGREFPRARHFKV
YDYKDILEEFGSDEKASMEMEEPFWIVNIPREFYDREENGVWKNYDLILPYGYGEVSSGGEREWEYEKIVAKIRAAGLKE
DSFRPYLEIARAGKLKPSAGAGIGVERLVRFIVGAKHIAEVQPFPRVPGIPAVI
;
_entity_poly.pdbx_strand_id   A,B
#
loop_
_chem_comp.id
_chem_comp.type
_chem_comp.name
_chem_comp.formula
AMP non-polymer 'ADENOSINE MONOPHOSPHATE' 'C10 H14 N5 O7 P'
MG non-polymer 'MAGNESIUM ION' 'Mg 2'
#
# COMPACT_ATOMS: atom_id res chain seq x y z
N MET A 1 6.63 7.09 -22.19
CA MET A 1 7.88 7.79 -22.43
C MET A 1 9.04 7.11 -21.71
N ASN A 2 10.26 7.32 -22.18
CA ASN A 2 11.43 6.64 -21.62
C ASN A 2 11.82 7.14 -20.23
N ALA A 3 12.69 6.38 -19.57
CA ALA A 3 13.05 6.61 -18.17
C ALA A 3 13.48 8.06 -17.86
N VAL A 4 14.45 8.57 -18.62
CA VAL A 4 14.95 9.92 -18.37
C VAL A 4 13.87 10.99 -18.57
N GLU A 5 12.97 10.75 -19.52
CA GLU A 5 11.86 11.68 -19.73
C GLU A 5 10.88 11.64 -18.56
N ILE A 6 10.71 10.46 -17.98
CA ILE A 6 9.81 10.30 -16.83
C ILE A 6 10.32 11.09 -15.62
N ILE A 7 11.61 10.93 -15.32
CA ILE A 7 12.17 11.54 -14.13
C ILE A 7 12.39 13.05 -14.30
N SER A 8 12.18 13.52 -15.52
CA SER A 8 12.37 14.94 -15.82
C SER A 8 11.07 15.75 -15.67
N ARG A 9 9.94 15.06 -15.53
CA ARG A 9 8.66 15.77 -15.41
C ARG A 9 8.61 16.58 -14.12
N ASP A 10 7.83 17.66 -14.13
CA ASP A 10 7.67 18.50 -12.95
C ASP A 10 6.34 18.18 -12.27
N ILE A 11 6.40 17.36 -11.23
CA ILE A 11 5.19 16.93 -10.57
C ILE A 11 5.25 17.25 -9.08
N TYR A 12 6.17 18.13 -8.71
CA TYR A 12 6.33 18.51 -7.31
C TYR A 12 5.01 18.97 -6.70
N LYS A 13 4.28 19.81 -7.44
CA LYS A 13 3.04 20.38 -6.89
C LYS A 13 1.99 19.31 -6.65
N ALA A 14 1.88 18.37 -7.59
CA ALA A 14 0.92 17.28 -7.41
C ALA A 14 1.27 16.39 -6.22
N ILE A 15 2.55 16.14 -6.01
CA ILE A 15 2.96 15.30 -4.89
C ILE A 15 2.79 16.04 -3.56
N ASP A 16 3.00 17.35 -3.57
CA ASP A 16 2.75 18.17 -2.38
C ASP A 16 1.27 18.11 -2.01
N ILE A 17 0.40 18.25 -3.00
CA ILE A 17 -1.04 18.13 -2.80
C ILE A 17 -1.43 16.72 -2.32
N GLN A 18 -0.85 15.71 -2.94
CA GLN A 18 -1.13 14.33 -2.55
C GLN A 18 -0.84 14.11 -1.06
N THR A 19 0.26 14.69 -0.59
CA THR A 19 0.69 14.53 0.79
C THR A 19 -0.35 15.12 1.72
N LYS A 20 -0.86 16.30 1.35
CA LYS A 20 -1.89 16.98 2.15
C LYS A 20 -3.22 16.21 2.15
N ILE A 21 -3.54 15.59 1.01
CA ILE A 21 -4.76 14.80 0.89
C ILE A 21 -4.67 13.55 1.75
N LEU A 22 -3.54 12.86 1.68
CA LEU A 22 -3.37 11.63 2.47
C LEU A 22 -3.40 11.92 3.97
N ASP A 23 -2.76 13.01 4.36
CA ASP A 23 -2.80 13.45 5.75
C ASP A 23 -4.24 13.71 6.20
N TYR A 24 -4.97 14.47 5.39
CA TYR A 24 -6.34 14.83 5.72
C TYR A 24 -7.24 13.59 5.81
N MET A 25 -7.16 12.70 4.82
CA MET A 25 -8.07 11.54 4.79
C MET A 25 -7.79 10.54 5.88
N THR A 26 -6.52 10.23 6.11
CA THR A 26 -6.19 9.22 7.11
C THR A 26 -6.59 9.74 8.50
N LYS A 27 -6.38 11.04 8.76
CA LYS A 27 -6.80 11.63 10.03
C LYS A 27 -8.32 11.64 10.18
N PHE A 28 -9.01 11.91 9.08
CA PHE A 28 -10.48 11.91 9.09
C PHE A 28 -10.98 10.58 9.65
N PHE A 29 -10.40 9.50 9.19
CA PHE A 29 -10.86 8.19 9.63
C PHE A 29 -10.38 7.82 11.03
N THR A 30 -9.11 8.06 11.34
CA THR A 30 -8.65 7.68 12.69
C THR A 30 -9.33 8.52 13.77
N ASP A 31 -9.64 9.78 13.43
CA ASP A 31 -10.38 10.67 14.33
C ASP A 31 -11.74 10.10 14.70
N ARG A 32 -12.29 9.28 13.80
CA ARG A 32 -13.62 8.71 13.99
C ARG A 32 -13.60 7.27 14.47
N GLY A 33 -12.45 6.83 14.94
CA GLY A 33 -12.33 5.53 15.58
C GLY A 33 -12.14 4.37 14.64
N PHE A 34 -11.80 4.66 13.39
CA PHE A 34 -11.50 3.60 12.44
C PHE A 34 -10.12 3.01 12.72
N LYS A 35 -10.00 1.72 12.46
CA LYS A 35 -8.74 0.98 12.56
C LYS A 35 -8.07 1.02 11.20
N TRP A 36 -6.75 1.16 11.20
CA TRP A 36 -5.95 1.32 9.99
C TRP A 36 -5.26 -0.01 9.67
N LEU A 37 -5.71 -0.69 8.61
CA LEU A 37 -5.16 -1.99 8.23
C LEU A 37 -4.10 -1.84 7.14
N LEU A 38 -3.22 -2.82 7.05
CA LEU A 38 -2.25 -2.87 5.97
C LEU A 38 -2.82 -3.69 4.82
N PRO A 39 -2.32 -3.44 3.60
CA PRO A 39 -2.89 -4.09 2.42
C PRO A 39 -2.41 -5.53 2.23
N ILE A 40 -3.20 -6.34 1.52
CA ILE A 40 -2.66 -7.58 0.99
C ILE A 40 -2.63 -7.48 -0.53
N MET A 41 -1.60 -8.07 -1.14
CA MET A 41 -1.43 -7.98 -2.58
C MET A 41 -1.63 -9.31 -3.30
N LEU A 42 -1.53 -10.43 -2.57
CA LEU A 42 -1.72 -11.75 -3.16
C LEU A 42 -2.69 -12.58 -2.32
N SER A 43 -3.60 -13.29 -2.96
CA SER A 43 -4.59 -14.07 -2.21
C SER A 43 -5.23 -15.04 -3.16
N PRO A 44 -5.68 -16.20 -2.64
CA PRO A 44 -6.39 -17.12 -3.53
C PRO A 44 -7.62 -16.47 -4.16
N ILE A 45 -8.18 -15.47 -3.50
CA ILE A 45 -9.42 -14.85 -3.99
C ILE A 45 -9.25 -13.34 -4.15
N THR A 46 -9.95 -12.77 -5.12
CA THR A 46 -10.01 -11.30 -5.21
C THR A 46 -11.32 -10.84 -5.85
N ASP A 47 -11.53 -9.52 -5.83
CA ASP A 47 -12.72 -8.90 -6.44
C ASP A 47 -12.83 -9.30 -7.90
N PRO A 48 -13.98 -9.88 -8.32
CA PRO A 48 -14.09 -10.28 -9.73
C PRO A 48 -14.24 -9.10 -10.69
N LEU A 49 -14.72 -7.96 -10.17
CA LEU A 49 -14.94 -6.73 -10.96
C LEU A 49 -15.96 -7.00 -12.05
N TRP A 50 -16.81 -7.98 -11.82
CA TRP A 50 -17.78 -8.38 -12.83
C TRP A 50 -18.90 -9.11 -12.13
N PRO A 51 -20.15 -8.92 -12.57
CA PRO A 51 -20.59 -7.96 -13.57
C PRO A 51 -20.35 -6.54 -13.07
N ASP A 52 -20.15 -5.61 -14.00
CA ASP A 52 -19.91 -4.21 -13.66
C ASP A 52 -19.93 -3.42 -14.95
N PRO A 53 -20.88 -2.49 -15.10
CA PRO A 53 -21.00 -1.69 -16.33
C PRO A 53 -19.78 -0.81 -16.58
N ALA A 54 -18.96 -0.59 -15.56
CA ALA A 54 -17.77 0.24 -15.68
C ALA A 54 -16.53 -0.54 -16.12
N GLY A 55 -16.67 -1.85 -16.26
CA GLY A 55 -15.53 -2.68 -16.64
C GLY A 55 -15.74 -3.48 -17.91
N GLU A 56 -14.68 -4.12 -18.40
CA GLU A 56 -14.76 -4.98 -19.59
C GLU A 56 -14.60 -6.46 -19.27
N GLY A 57 -14.44 -6.80 -18.00
CA GLY A 57 -14.36 -8.20 -17.61
C GLY A 57 -12.94 -8.77 -17.50
N ILE A 58 -12.01 -7.97 -17.00
CA ILE A 58 -10.60 -8.38 -16.95
C ILE A 58 -10.41 -9.49 -15.93
N ARG A 59 -9.46 -10.38 -16.20
CA ARG A 59 -9.10 -11.40 -15.20
C ARG A 59 -7.88 -10.92 -14.43
N PRO A 60 -7.80 -11.27 -13.13
CA PRO A 60 -6.67 -10.81 -12.31
C PRO A 60 -5.35 -11.39 -12.80
N ALA A 61 -4.26 -10.65 -12.62
CA ALA A 61 -2.95 -11.18 -12.88
C ALA A 61 -2.71 -12.23 -11.82
N GLU A 62 -1.98 -13.28 -12.18
CA GLU A 62 -1.79 -14.43 -11.29
C GLU A 62 -0.32 -14.75 -11.15
N VAL A 63 0.06 -15.25 -9.99
CA VAL A 63 1.44 -15.70 -9.79
C VAL A 63 1.43 -16.85 -8.81
N ASP A 64 2.29 -17.84 -9.02
CA ASP A 64 2.39 -18.94 -8.06
C ASP A 64 3.21 -18.59 -6.81
N VAL A 65 2.69 -19.00 -5.66
CA VAL A 65 3.37 -18.85 -4.38
C VAL A 65 3.47 -20.25 -3.78
N TYR A 66 4.70 -20.75 -3.64
CA TYR A 66 4.94 -22.12 -3.20
C TYR A 66 4.06 -23.11 -3.99
N GLY A 67 3.94 -22.85 -5.30
CA GLY A 67 3.29 -23.77 -6.20
C GLY A 67 1.79 -23.54 -6.29
N VAL A 68 1.28 -22.62 -5.48
CA VAL A 68 -0.15 -22.37 -5.42
C VAL A 68 -0.54 -21.06 -6.12
N ARG A 69 -1.54 -21.13 -6.99
CA ARG A 69 -1.98 -19.93 -7.73
C ARG A 69 -2.52 -18.83 -6.79
N MET A 70 -1.96 -17.63 -6.91
CA MET A 70 -2.51 -16.47 -6.20
C MET A 70 -2.92 -15.41 -7.18
N ARG A 71 -3.95 -14.66 -6.83
CA ARG A 71 -4.35 -13.54 -7.65
C ARG A 71 -3.81 -12.24 -7.06
N LEU A 72 -3.33 -11.34 -7.91
CA LEU A 72 -2.92 -10.02 -7.48
C LEU A 72 -4.19 -9.21 -7.25
N THR A 73 -4.16 -8.40 -6.19
CA THR A 73 -5.36 -7.72 -5.73
C THR A 73 -6.05 -6.85 -6.76
N HIS A 74 -7.25 -7.24 -7.18
CA HIS A 74 -8.13 -6.34 -7.94
C HIS A 74 -8.70 -5.30 -6.97
N SER A 75 -9.25 -5.76 -5.85
CA SER A 75 -9.61 -4.88 -4.73
C SER A 75 -9.72 -5.75 -3.49
N MET A 76 -9.71 -5.10 -2.33
CA MET A 76 -9.76 -5.81 -1.08
C MET A 76 -11.18 -5.94 -0.52
N ILE A 77 -12.20 -5.77 -1.36
CA ILE A 77 -13.58 -5.86 -0.91
C ILE A 77 -13.88 -7.11 -0.06
N LEU A 78 -13.48 -8.29 -0.53
CA LEU A 78 -13.78 -9.51 0.22
C LEU A 78 -13.03 -9.53 1.54
N HIS A 79 -11.80 -9.00 1.53
CA HIS A 79 -11.00 -8.92 2.74
C HIS A 79 -11.55 -7.90 3.75
N LYS A 80 -12.17 -6.83 3.24
CA LYS A 80 -12.84 -5.87 4.11
C LYS A 80 -13.99 -6.56 4.83
N GLN A 81 -14.76 -7.37 4.12
CA GLN A 81 -15.86 -8.08 4.77
C GLN A 81 -15.30 -9.04 5.83
N LEU A 82 -14.18 -9.68 5.54
CA LEU A 82 -13.63 -10.59 6.52
C LEU A 82 -13.08 -9.85 7.75
N ALA A 83 -12.54 -8.64 7.55
CA ALA A 83 -12.09 -7.84 8.68
C ALA A 83 -13.26 -7.46 9.59
N ILE A 84 -14.42 -7.18 8.98
CA ILE A 84 -15.64 -6.95 9.75
C ILE A 84 -16.04 -8.22 10.49
N ALA A 85 -15.85 -9.38 9.84
CA ALA A 85 -16.16 -10.66 10.47
C ALA A 85 -15.23 -10.91 11.67
N MET A 86 -14.06 -10.28 11.68
CA MET A 86 -13.13 -10.40 12.81
C MET A 86 -13.42 -9.40 13.92
N GLY A 87 -14.50 -8.65 13.78
CA GLY A 87 -14.96 -7.75 14.82
C GLY A 87 -14.22 -6.43 14.93
N LEU A 88 -13.64 -5.96 13.84
CA LEU A 88 -12.89 -4.71 13.89
C LEU A 88 -13.77 -3.46 13.75
N GLU A 89 -15.04 -3.66 13.40
CA GLU A 89 -16.10 -2.65 13.48
C GLU A 89 -16.05 -1.54 12.43
N LYS A 90 -14.94 -0.82 12.38
CA LYS A 90 -14.76 0.25 11.40
C LYS A 90 -13.31 0.18 10.97
N ILE A 91 -13.08 -0.03 9.67
CA ILE A 91 -11.72 -0.26 9.17
C ILE A 91 -11.46 0.55 7.91
N PHE A 92 -10.19 0.93 7.69
CA PHE A 92 -9.79 1.43 6.38
C PHE A 92 -8.37 0.95 6.03
N VAL A 93 -8.04 1.02 4.75
CA VAL A 93 -6.72 0.60 4.29
C VAL A 93 -6.36 1.46 3.08
N LEU A 94 -5.09 1.86 2.97
CA LEU A 94 -4.62 2.43 1.71
C LEU A 94 -4.17 1.25 0.86
N SER A 95 -5.08 0.80 -0.01
CA SER A 95 -4.92 -0.46 -0.74
C SER A 95 -4.48 -0.24 -2.19
N PRO A 96 -3.26 -0.70 -2.54
CA PRO A 96 -2.88 -0.69 -3.96
C PRO A 96 -3.66 -1.77 -4.71
N ASN A 97 -4.10 -1.46 -5.93
CA ASN A 97 -4.77 -2.45 -6.78
C ASN A 97 -4.00 -2.61 -8.08
N ILE A 98 -4.08 -3.79 -8.69
CA ILE A 98 -3.54 -4.01 -10.03
C ILE A 98 -4.68 -4.42 -10.93
N ARG A 99 -4.97 -3.61 -11.94
CA ARG A 99 -6.03 -3.92 -12.90
C ARG A 99 -5.51 -3.68 -14.29
N LEU A 100 -5.22 -4.76 -15.00
CA LEU A 100 -4.59 -4.65 -16.30
C LEU A 100 -5.65 -4.40 -17.37
N GLU A 101 -6.28 -3.23 -17.28
CA GLU A 101 -7.31 -2.84 -18.22
C GLU A 101 -6.72 -2.48 -19.59
N SER A 102 -7.57 -2.49 -20.61
CA SER A 102 -7.12 -2.31 -21.98
C SER A 102 -6.92 -0.84 -22.33
N ARG A 103 -6.34 -0.60 -23.50
CA ARG A 103 -6.17 0.76 -24.05
C ARG A 103 -7.49 1.50 -24.14
N ARG A 104 -8.59 0.77 -24.25
CA ARG A 104 -9.90 1.42 -24.37
C ARG A 104 -10.28 2.16 -23.09
N LYS A 105 -9.60 1.84 -22.00
CA LYS A 105 -9.82 2.47 -20.70
C LYS A 105 -8.80 3.58 -20.43
N ASP A 106 -7.92 3.86 -21.39
CA ASP A 106 -6.98 4.97 -21.22
C ASP A 106 -7.65 6.30 -21.56
N ASP A 107 -8.47 6.76 -20.63
CA ASP A 107 -9.33 7.92 -20.81
C ASP A 107 -8.88 9.12 -19.96
N GLY A 108 -7.74 8.98 -19.30
CA GLY A 108 -7.19 10.04 -18.46
C GLY A 108 -7.52 9.87 -16.99
N ARG A 109 -8.40 8.91 -16.71
CA ARG A 109 -8.91 8.64 -15.37
C ARG A 109 -8.42 7.29 -14.83
N HIS A 110 -7.88 6.45 -15.72
CA HIS A 110 -7.46 5.10 -15.31
C HIS A 110 -5.95 4.89 -15.31
N SER A 111 -5.48 4.11 -14.34
CA SER A 111 -4.10 3.66 -14.26
C SER A 111 -4.10 2.16 -13.95
N TYR A 112 -3.14 1.41 -14.46
CA TYR A 112 -3.21 -0.03 -14.19
C TYR A 112 -2.68 -0.43 -12.82
N GLU A 113 -1.98 0.50 -12.15
CA GLU A 113 -1.73 0.37 -10.71
C GLU A 113 -2.22 1.65 -10.09
N PHE A 114 -2.94 1.56 -8.98
CA PHE A 114 -3.40 2.76 -8.29
C PHE A 114 -3.70 2.40 -6.84
N THR A 115 -3.92 3.40 -6.00
CA THR A 115 -4.32 3.15 -4.62
C THR A 115 -5.70 3.71 -4.35
N GLN A 116 -6.49 2.96 -3.59
CA GLN A 116 -7.76 3.48 -3.10
C GLN A 116 -7.79 3.42 -1.59
N LEU A 117 -8.31 4.46 -0.98
CA LEU A 117 -8.57 4.41 0.44
C LEU A 117 -9.89 3.67 0.57
N ASP A 118 -9.84 2.45 1.09
CA ASP A 118 -10.97 1.53 1.05
C ASP A 118 -11.45 1.36 2.50
N PHE A 119 -12.72 1.66 2.80
CA PHE A 119 -13.17 1.56 4.19
C PHE A 119 -14.48 0.78 4.33
N GLU A 120 -14.73 0.23 5.52
CA GLU A 120 -15.94 -0.56 5.76
C GLU A 120 -16.46 -0.35 7.18
N ILE A 121 -17.78 -0.36 7.33
CA ILE A 121 -18.39 -0.07 8.62
C ILE A 121 -19.47 -1.10 8.90
N GLU A 122 -19.30 -1.84 9.99
CA GLU A 122 -20.27 -2.84 10.40
C GLU A 122 -21.63 -2.19 10.67
N GLY A 123 -22.70 -2.77 10.12
CA GLY A 123 -24.05 -2.29 10.36
C GLY A 123 -24.51 -1.03 9.63
N ALA A 124 -23.63 -0.41 8.85
CA ALA A 124 -23.97 0.87 8.21
C ALA A 124 -24.90 0.69 7.02
N LYS A 125 -25.69 1.72 6.73
CA LYS A 125 -26.59 1.71 5.57
C LYS A 125 -26.08 2.66 4.49
N MET A 126 -26.64 2.58 3.28
CA MET A 126 -26.12 3.42 2.20
C MET A 126 -26.16 4.92 2.56
N LYS A 127 -27.24 5.39 3.17
CA LYS A 127 -27.33 6.82 3.53
C LYS A 127 -26.21 7.24 4.49
N ASP A 128 -25.87 6.36 5.44
CA ASP A 128 -24.80 6.67 6.41
C ASP A 128 -23.46 6.85 5.69
N VAL A 129 -23.14 5.93 4.78
CA VAL A 129 -21.86 6.00 4.09
C VAL A 129 -21.78 7.19 3.14
N MET A 130 -22.87 7.43 2.43
CA MET A 130 -22.92 8.55 1.50
C MET A 130 -22.73 9.85 2.29
N ARG A 131 -23.39 9.95 3.44
CA ARG A 131 -23.25 11.17 4.24
C ARG A 131 -21.85 11.35 4.81
N LEU A 132 -21.18 10.25 5.13
CA LEU A 132 -19.81 10.34 5.64
C LEU A 132 -18.86 10.79 4.55
N ILE A 133 -19.06 10.26 3.35
CA ILE A 133 -18.26 10.67 2.19
C ILE A 133 -18.47 12.16 1.87
N GLU A 134 -19.71 12.63 1.94
CA GLU A 134 -19.99 14.05 1.76
C GLU A 134 -19.23 14.89 2.79
N GLU A 135 -19.25 14.46 4.04
CA GLU A 135 -18.55 15.18 5.09
C GLU A 135 -17.04 15.24 4.79
N LEU A 136 -16.48 14.11 4.36
CA LEU A 136 -15.06 14.05 4.02
C LEU A 136 -14.76 14.96 2.83
N ILE A 137 -15.55 14.85 1.78
CA ILE A 137 -15.29 15.61 0.55
C ILE A 137 -15.49 17.10 0.75
N TYR A 138 -16.56 17.48 1.45
CA TYR A 138 -16.78 18.91 1.67
C TYR A 138 -15.58 19.52 2.42
N GLY A 139 -15.12 18.82 3.47
CA GLY A 139 -14.05 19.35 4.29
C GLY A 139 -12.74 19.41 3.50
N LEU A 140 -12.55 18.44 2.62
CA LEU A 140 -11.35 18.35 1.79
C LEU A 140 -11.30 19.51 0.83
N PHE A 141 -12.45 19.80 0.21
CA PHE A 141 -12.53 20.86 -0.76
C PHE A 141 -12.28 22.21 -0.10
N ARG A 142 -12.76 22.38 1.13
CA ARG A 142 -12.49 23.63 1.85
C ARG A 142 -11.00 23.79 2.14
N LYS A 143 -10.34 22.71 2.49
CA LYS A 143 -8.89 22.77 2.73
C LYS A 143 -8.13 23.03 1.43
N ALA A 144 -8.62 22.44 0.33
CA ALA A 144 -7.96 22.59 -0.97
C ALA A 144 -7.96 24.03 -1.45
N GLU A 145 -9.00 24.77 -1.12
CA GLU A 145 -9.04 26.19 -1.46
C GLU A 145 -7.89 26.96 -0.80
N GLU A 146 -7.54 26.54 0.41
CA GLU A 146 -6.44 27.18 1.11
C GLU A 146 -5.10 26.74 0.53
N TRP A 147 -5.00 25.45 0.19
CA TRP A 147 -3.75 24.90 -0.35
C TRP A 147 -3.42 25.45 -1.74
N THR A 148 -4.44 25.77 -2.52
CA THR A 148 -4.23 26.12 -3.93
C THR A 148 -4.57 27.57 -4.23
N GLY A 149 -5.40 28.17 -3.40
CA GLY A 149 -5.93 29.49 -3.67
C GLY A 149 -6.94 29.49 -4.79
N ARG A 150 -7.43 28.32 -5.18
CA ARG A 150 -8.46 28.23 -6.21
C ARG A 150 -9.82 27.86 -5.61
N GLU A 151 -10.88 28.02 -6.39
CA GLU A 151 -12.24 27.73 -5.95
C GLU A 151 -12.61 26.28 -6.22
N PHE A 152 -13.34 25.66 -5.29
CA PHE A 152 -13.81 24.28 -5.48
C PHE A 152 -15.31 24.21 -5.23
N PRO A 153 -15.98 23.14 -5.73
CA PRO A 153 -17.43 23.06 -5.52
C PRO A 153 -17.76 23.17 -4.03
N ARG A 154 -18.78 23.96 -3.73
CA ARG A 154 -19.10 24.33 -2.36
C ARG A 154 -20.22 23.49 -1.71
N ALA A 155 -20.85 22.61 -2.48
CA ALA A 155 -21.98 21.82 -1.97
C ALA A 155 -21.66 20.99 -0.73
N ARG A 156 -22.52 21.10 0.27
CA ARG A 156 -22.35 20.29 1.49
C ARG A 156 -22.93 18.88 1.30
N HIS A 157 -23.95 18.76 0.45
CA HIS A 157 -24.51 17.45 0.10
C HIS A 157 -24.72 17.43 -1.41
N PHE A 158 -24.78 16.25 -2.00
CA PHE A 158 -24.83 16.14 -3.45
C PHE A 158 -26.12 15.51 -3.89
N LYS A 159 -26.56 15.86 -5.10
CA LYS A 159 -27.81 15.33 -5.63
C LYS A 159 -27.67 13.85 -5.95
N VAL A 160 -28.80 13.14 -5.97
CA VAL A 160 -28.82 11.69 -6.15
C VAL A 160 -29.66 11.29 -7.38
N TYR A 161 -29.05 10.51 -8.27
CA TYR A 161 -29.71 10.02 -9.50
C TYR A 161 -29.62 8.49 -9.56
N ASP A 162 -30.72 7.83 -9.92
CA ASP A 162 -30.67 6.40 -10.25
C ASP A 162 -29.89 6.18 -11.53
N TYR A 163 -29.09 5.13 -11.55
CA TYR A 163 -28.34 4.74 -12.74
C TYR A 163 -29.20 4.73 -13.99
N LYS A 164 -30.38 4.11 -13.87
CA LYS A 164 -31.28 3.94 -15.01
C LYS A 164 -31.68 5.30 -15.59
N ASP A 165 -31.91 6.28 -14.71
CA ASP A 165 -32.27 7.63 -15.11
C ASP A 165 -31.10 8.42 -15.72
N ILE A 166 -29.88 8.15 -15.25
CA ILE A 166 -28.70 8.73 -15.87
C ILE A 166 -28.61 8.30 -17.33
N LEU A 167 -28.76 6.99 -17.56
CA LEU A 167 -28.69 6.47 -18.93
C LEU A 167 -29.72 7.12 -19.82
N GLU A 168 -30.94 7.25 -19.30
CA GLU A 168 -32.03 7.83 -20.07
C GLU A 168 -31.77 9.31 -20.41
N GLU A 169 -31.30 10.07 -19.42
CA GLU A 169 -31.16 11.52 -19.58
C GLU A 169 -29.87 11.94 -20.32
N PHE A 170 -28.75 11.34 -19.95
CA PHE A 170 -27.45 11.74 -20.47
C PHE A 170 -26.87 10.72 -21.45
N GLY A 171 -27.38 9.50 -21.42
CA GLY A 171 -26.88 8.44 -22.27
C GLY A 171 -25.80 7.62 -21.61
N SER A 172 -24.99 8.27 -20.78
CA SER A 172 -23.88 7.61 -20.09
C SER A 172 -23.50 8.41 -18.86
N ASP A 173 -22.74 7.80 -17.95
CA ASP A 173 -22.25 8.53 -16.78
C ASP A 173 -21.12 9.50 -17.17
N GLU A 174 -20.44 9.19 -18.27
CA GLU A 174 -19.42 10.08 -18.79
C GLU A 174 -20.03 11.42 -19.22
N LYS A 175 -21.12 11.34 -19.97
CA LYS A 175 -21.83 12.54 -20.43
C LYS A 175 -22.38 13.33 -19.24
N ALA A 176 -22.90 12.61 -18.24
CA ALA A 176 -23.42 13.26 -17.04
C ALA A 176 -22.33 14.09 -16.37
N SER A 177 -21.15 13.50 -16.20
CA SER A 177 -20.05 14.22 -15.54
C SER A 177 -19.69 15.50 -16.29
N MET A 178 -19.71 15.44 -17.61
CA MET A 178 -19.34 16.60 -18.42
C MET A 178 -20.33 17.76 -18.27
N GLU A 179 -21.58 17.43 -17.96
CA GLU A 179 -22.63 18.44 -17.90
C GLU A 179 -22.81 19.04 -16.50
N MET A 180 -22.35 18.33 -15.48
CA MET A 180 -22.52 18.78 -14.10
C MET A 180 -21.40 19.71 -13.63
N GLU A 181 -21.72 20.56 -12.66
CA GLU A 181 -20.77 21.52 -12.12
C GLU A 181 -20.50 21.30 -10.63
N GLU A 182 -21.13 20.28 -10.07
CA GLU A 182 -20.78 19.88 -8.72
C GLU A 182 -20.83 18.37 -8.69
N PRO A 183 -20.23 17.76 -7.65
CA PRO A 183 -20.25 16.31 -7.52
C PRO A 183 -21.68 15.82 -7.37
N PHE A 184 -21.94 14.59 -7.79
CA PHE A 184 -23.28 14.02 -7.72
C PHE A 184 -23.18 12.51 -7.54
N TRP A 185 -24.26 11.92 -7.05
CA TRP A 185 -24.29 10.49 -6.78
C TRP A 185 -25.08 9.78 -7.86
N ILE A 186 -24.57 8.63 -8.29
CA ILE A 186 -25.34 7.68 -9.05
C ILE A 186 -25.56 6.43 -8.17
N VAL A 187 -26.81 6.02 -8.04
CA VAL A 187 -27.14 4.87 -7.20
C VAL A 187 -27.90 3.79 -7.94
N ASN A 188 -27.96 2.59 -7.34
CA ASN A 188 -28.82 1.50 -7.81
C ASN A 188 -28.25 0.97 -9.14
N ILE A 189 -27.05 0.43 -9.05
CA ILE A 189 -26.29 -0.04 -10.20
C ILE A 189 -26.12 -1.57 -10.10
N PRO A 190 -26.74 -2.33 -10.99
CA PRO A 190 -26.53 -3.79 -10.89
C PRO A 190 -25.09 -4.16 -11.18
N ARG A 191 -24.44 -4.84 -10.25
CA ARG A 191 -23.06 -5.22 -10.47
C ARG A 191 -22.67 -6.47 -9.68
N GLU A 192 -21.58 -6.40 -8.93
CA GLU A 192 -20.97 -7.58 -8.32
C GLU A 192 -21.78 -8.22 -7.19
N PHE A 193 -21.50 -9.49 -6.91
CA PHE A 193 -22.32 -10.28 -5.97
C PHE A 193 -22.34 -9.68 -4.57
N TYR A 194 -21.27 -9.01 -4.19
CA TYR A 194 -21.15 -8.53 -2.82
C TYR A 194 -21.96 -7.27 -2.53
N ASP A 195 -22.40 -6.56 -3.56
CA ASP A 195 -23.28 -5.41 -3.29
C ASP A 195 -24.69 -5.91 -3.00
N ARG A 196 -25.29 -5.41 -1.92
N ARG A 196 -25.28 -5.37 -1.94
CA ARG A 196 -26.63 -5.86 -1.52
CA ARG A 196 -26.63 -5.72 -1.51
C ARG A 196 -27.70 -5.47 -2.53
C ARG A 196 -27.71 -5.43 -2.56
N GLU A 197 -28.54 -6.44 -2.87
CA GLU A 197 -29.65 -6.26 -3.78
C GLU A 197 -30.92 -6.71 -3.04
N GLU A 198 -31.97 -5.90 -3.08
CA GLU A 198 -33.21 -6.25 -2.42
C GLU A 198 -34.39 -5.95 -3.35
N ASN A 199 -35.08 -7.00 -3.79
CA ASN A 199 -36.23 -6.84 -4.68
C ASN A 199 -35.97 -5.95 -5.90
N GLY A 200 -34.86 -6.18 -6.58
CA GLY A 200 -34.53 -5.46 -7.79
C GLY A 200 -33.82 -4.15 -7.58
N VAL A 201 -33.58 -3.78 -6.32
CA VAL A 201 -32.91 -2.53 -5.99
C VAL A 201 -31.53 -2.78 -5.40
N TRP A 202 -30.52 -2.16 -5.99
CA TRP A 202 -29.15 -2.30 -5.52
C TRP A 202 -28.81 -1.17 -4.56
N LYS A 203 -28.30 -1.52 -3.38
CA LYS A 203 -28.06 -0.55 -2.33
C LYS A 203 -26.62 -0.04 -2.43
N ASN A 204 -26.33 0.67 -3.51
CA ASN A 204 -24.95 1.06 -3.81
C ASN A 204 -24.88 2.45 -4.45
N TYR A 205 -23.67 2.99 -4.60
CA TYR A 205 -23.50 4.42 -4.87
C TYR A 205 -22.12 4.70 -5.46
N ASP A 206 -22.07 5.57 -6.47
CA ASP A 206 -20.81 6.10 -7.00
C ASP A 206 -20.86 7.61 -6.86
N LEU A 207 -19.79 8.20 -6.33
CA LEU A 207 -19.63 9.65 -6.34
C LEU A 207 -18.96 10.06 -7.63
N ILE A 208 -19.61 10.92 -8.40
CA ILE A 208 -19.07 11.40 -9.68
C ILE A 208 -18.63 12.87 -9.55
N LEU A 209 -17.41 13.17 -10.01
CA LEU A 209 -16.92 14.54 -10.00
C LEU A 209 -17.44 15.31 -11.20
N PRO A 210 -17.53 16.63 -11.07
CA PRO A 210 -18.04 17.44 -12.17
C PRO A 210 -16.99 17.69 -13.26
N TYR A 211 -17.41 18.35 -14.33
CA TYR A 211 -16.48 18.87 -15.35
C TYR A 211 -15.77 17.77 -16.11
N GLY A 212 -16.40 16.60 -16.18
CA GLY A 212 -15.89 15.49 -16.96
C GLY A 212 -14.88 14.63 -16.22
N TYR A 213 -14.55 14.99 -14.98
CA TYR A 213 -13.52 14.23 -14.26
C TYR A 213 -13.93 12.80 -13.91
N GLY A 214 -15.23 12.55 -13.88
CA GLY A 214 -15.72 11.21 -13.65
C GLY A 214 -15.70 10.69 -12.23
N GLU A 215 -15.92 9.39 -12.08
CA GLU A 215 -16.07 8.76 -10.77
C GLU A 215 -14.84 8.89 -9.89
N VAL A 216 -15.05 9.21 -8.61
CA VAL A 216 -13.94 9.29 -7.65
C VAL A 216 -14.12 8.34 -6.44
N SER A 217 -15.34 7.85 -6.23
CA SER A 217 -15.62 6.93 -5.12
C SER A 217 -16.77 6.01 -5.48
N SER A 218 -16.74 4.79 -4.95
CA SER A 218 -17.78 3.79 -5.25
C SER A 218 -17.90 2.86 -4.05
N GLY A 219 -19.14 2.52 -3.67
CA GLY A 219 -19.32 1.55 -2.60
C GLY A 219 -20.73 0.98 -2.56
N GLY A 220 -21.07 0.37 -1.45
CA GLY A 220 -22.41 -0.15 -1.26
C GLY A 220 -22.57 -0.85 0.08
N GLU A 221 -23.82 -1.10 0.45
CA GLU A 221 -24.12 -2.09 1.51
C GLU A 221 -23.78 -3.47 0.96
N ARG A 222 -23.60 -4.47 1.83
CA ARG A 222 -23.15 -5.78 1.32
C ARG A 222 -24.16 -6.90 1.50
N GLU A 223 -24.00 -7.95 0.72
CA GLU A 223 -24.66 -9.22 1.00
C GLU A 223 -23.85 -9.93 2.08
N TRP A 224 -24.53 -10.71 2.92
CA TRP A 224 -23.86 -11.49 3.96
C TRP A 224 -24.39 -12.91 4.07
N GLU A 225 -25.50 -13.19 3.38
CA GLU A 225 -26.14 -14.50 3.45
C GLU A 225 -25.62 -15.46 2.38
N TYR A 226 -25.17 -16.63 2.81
CA TYR A 226 -24.57 -17.61 1.92
C TYR A 226 -25.40 -17.92 0.67
N GLU A 227 -26.66 -18.32 0.86
CA GLU A 227 -27.47 -18.77 -0.28
C GLU A 227 -27.72 -17.66 -1.31
N LYS A 228 -27.87 -16.43 -0.82
CA LYS A 228 -28.07 -15.25 -1.67
C LYS A 228 -26.81 -14.97 -2.48
N ILE A 229 -25.67 -15.05 -1.80
CA ILE A 229 -24.39 -14.81 -2.43
C ILE A 229 -24.09 -15.85 -3.52
N VAL A 230 -24.26 -17.12 -3.19
CA VAL A 230 -24.00 -18.21 -4.14
C VAL A 230 -24.89 -18.08 -5.38
N ALA A 231 -26.16 -17.73 -5.18
CA ALA A 231 -27.10 -17.61 -6.28
C ALA A 231 -26.67 -16.48 -7.24
N LYS A 232 -26.12 -15.41 -6.68
CA LYS A 232 -25.71 -14.26 -7.50
C LYS A 232 -24.47 -14.60 -8.28
N ILE A 233 -23.55 -15.32 -7.64
CA ILE A 233 -22.35 -15.78 -8.33
C ILE A 233 -22.73 -16.66 -9.52
N ARG A 234 -23.63 -17.62 -9.29
CA ARG A 234 -24.03 -18.56 -10.34
C ARG A 234 -24.79 -17.88 -11.48
N ALA A 235 -25.65 -16.93 -11.13
CA ALA A 235 -26.45 -16.23 -12.14
C ALA A 235 -25.56 -15.44 -13.08
N ALA A 236 -24.45 -14.93 -12.55
CA ALA A 236 -23.51 -14.15 -13.35
C ALA A 236 -22.57 -15.00 -14.19
N GLY A 237 -22.60 -16.30 -13.99
CA GLY A 237 -21.72 -17.20 -14.73
C GLY A 237 -20.34 -17.32 -14.12
N LEU A 238 -20.14 -16.72 -12.95
CA LEU A 238 -18.89 -16.88 -12.23
C LEU A 238 -18.89 -18.24 -11.55
N LYS A 239 -17.75 -18.60 -10.98
CA LYS A 239 -17.55 -19.95 -10.45
C LYS A 239 -17.37 -19.88 -8.94
N GLU A 240 -18.18 -20.64 -8.21
CA GLU A 240 -17.97 -20.74 -6.76
C GLU A 240 -16.52 -21.06 -6.44
N ASP A 241 -15.89 -21.86 -7.29
CA ASP A 241 -14.51 -22.28 -7.08
C ASP A 241 -13.56 -21.08 -6.89
N SER A 242 -13.93 -19.93 -7.44
CA SER A 242 -13.06 -18.76 -7.40
C SER A 242 -13.12 -18.03 -6.08
N PHE A 243 -14.07 -18.42 -5.23
CA PHE A 243 -14.29 -17.73 -3.97
C PHE A 243 -14.39 -18.71 -2.80
N ARG A 244 -13.72 -19.83 -2.91
CA ARG A 244 -13.94 -20.93 -1.97
C ARG A 244 -13.82 -20.58 -0.47
N PRO A 245 -12.69 -19.98 -0.05
CA PRO A 245 -12.56 -19.72 1.39
C PRO A 245 -13.55 -18.67 1.92
N TYR A 246 -13.86 -17.68 1.08
CA TYR A 246 -14.84 -16.68 1.44
C TYR A 246 -16.21 -17.33 1.58
N LEU A 247 -16.56 -18.22 0.66
CA LEU A 247 -17.85 -18.89 0.74
C LEU A 247 -17.93 -19.82 1.95
N GLU A 248 -16.80 -20.37 2.38
CA GLU A 248 -16.78 -21.17 3.60
C GLU A 248 -17.16 -20.33 4.82
N ILE A 249 -16.60 -19.13 4.88
CA ILE A 249 -16.91 -18.17 5.93
C ILE A 249 -18.39 -17.81 5.87
N ALA A 250 -18.89 -17.56 4.65
CA ALA A 250 -20.30 -17.18 4.51
C ALA A 250 -21.23 -18.32 4.91
N ARG A 251 -20.88 -19.55 4.52
CA ARG A 251 -21.68 -20.71 4.83
C ARG A 251 -21.77 -20.92 6.35
N ALA A 252 -20.69 -20.56 7.05
CA ALA A 252 -20.62 -20.68 8.50
C ALA A 252 -21.46 -19.62 9.21
N GLY A 253 -21.97 -18.66 8.44
CA GLY A 253 -22.85 -17.63 8.98
C GLY A 253 -22.07 -16.51 9.62
N LYS A 254 -20.81 -16.36 9.24
CA LYS A 254 -19.94 -15.36 9.88
C LYS A 254 -19.76 -14.02 9.18
N LEU A 255 -20.38 -13.82 8.02
CA LEU A 255 -20.40 -12.47 7.46
C LEU A 255 -21.48 -11.66 8.16
N LYS A 256 -21.24 -10.36 8.33
CA LYS A 256 -22.18 -9.47 9.02
C LYS A 256 -22.64 -8.38 8.05
N PRO A 257 -23.84 -7.84 8.24
CA PRO A 257 -24.21 -6.69 7.42
C PRO A 257 -23.21 -5.55 7.61
N SER A 258 -22.84 -4.91 6.52
CA SER A 258 -21.92 -3.80 6.56
C SER A 258 -22.10 -2.93 5.32
N ALA A 259 -21.43 -1.80 5.30
CA ALA A 259 -21.38 -0.97 4.11
C ALA A 259 -20.07 -0.20 4.11
N GLY A 260 -19.58 0.14 2.91
CA GLY A 260 -18.38 0.94 2.83
C GLY A 260 -18.14 1.48 1.43
N ALA A 261 -16.90 1.87 1.15
CA ALA A 261 -16.59 2.46 -0.14
C ALA A 261 -15.09 2.53 -0.31
N GLY A 262 -14.68 2.86 -1.52
CA GLY A 262 -13.29 3.15 -1.81
C GLY A 262 -13.21 4.51 -2.48
N ILE A 263 -12.13 5.23 -2.20
CA ILE A 263 -11.92 6.57 -2.75
C ILE A 263 -10.59 6.54 -3.49
N GLY A 264 -10.60 6.86 -4.78
CA GLY A 264 -9.38 6.81 -5.58
C GLY A 264 -8.45 7.96 -5.23
N VAL A 265 -7.28 7.64 -4.68
CA VAL A 265 -6.37 8.73 -4.24
C VAL A 265 -5.87 9.56 -5.43
N GLU A 266 -5.32 8.90 -6.45
CA GLU A 266 -4.79 9.58 -7.62
C GLU A 266 -5.87 10.37 -8.35
N ARG A 267 -7.07 9.81 -8.46
CA ARG A 267 -8.17 10.53 -9.13
C ARG A 267 -8.48 11.83 -8.37
N LEU A 268 -8.47 11.75 -7.04
CA LEU A 268 -8.72 12.93 -6.22
C LEU A 268 -7.59 13.97 -6.34
N VAL A 269 -6.35 13.49 -6.34
CA VAL A 269 -5.21 14.39 -6.58
C VAL A 269 -5.34 15.11 -7.93
N ARG A 270 -5.67 14.34 -8.97
CA ARG A 270 -5.85 14.86 -10.33
C ARG A 270 -6.88 15.98 -10.36
N PHE A 271 -8.01 15.75 -9.70
CA PHE A 271 -9.08 16.76 -9.67
C PHE A 271 -8.61 18.06 -8.99
N ILE A 272 -7.90 17.92 -7.88
CA ILE A 272 -7.50 19.08 -7.10
C ILE A 272 -6.39 19.89 -7.78
N VAL A 273 -5.50 19.23 -8.52
CA VAL A 273 -4.49 19.98 -9.26
C VAL A 273 -4.91 20.33 -10.69
N GLY A 274 -6.06 19.81 -11.12
CA GLY A 274 -6.57 20.08 -12.44
C GLY A 274 -5.79 19.45 -13.58
N ALA A 275 -5.25 18.26 -13.34
CA ALA A 275 -4.45 17.57 -14.34
C ALA A 275 -5.33 16.95 -15.42
N LYS A 276 -4.91 17.13 -16.66
CA LYS A 276 -5.61 16.56 -17.82
C LYS A 276 -5.63 15.03 -17.78
N HIS A 277 -4.51 14.45 -17.36
CA HIS A 277 -4.34 13.00 -17.36
C HIS A 277 -3.75 12.53 -16.04
N ILE A 278 -4.35 11.49 -15.45
CA ILE A 278 -3.90 10.94 -14.18
C ILE A 278 -2.40 10.59 -14.16
N ALA A 279 -1.83 10.26 -15.32
CA ALA A 279 -0.40 9.97 -15.39
C ALA A 279 0.44 11.14 -14.86
N GLU A 280 -0.08 12.35 -15.01
CA GLU A 280 0.64 13.55 -14.58
C GLU A 280 0.82 13.67 -13.07
N VAL A 281 0.09 12.87 -12.28
CA VAL A 281 0.21 12.94 -10.82
C VAL A 281 0.94 11.72 -10.25
N GLN A 282 1.46 10.88 -11.13
CA GLN A 282 2.13 9.66 -10.70
C GLN A 282 3.62 9.76 -11.04
N PRO A 283 4.49 9.61 -10.02
CA PRO A 283 5.94 9.61 -10.28
C PRO A 283 6.30 8.53 -11.30
N PHE A 284 5.61 7.39 -11.27
CA PHE A 284 5.87 6.32 -12.25
C PHE A 284 4.56 5.90 -12.92
N PRO A 285 4.28 6.48 -14.11
CA PRO A 285 2.99 6.26 -14.78
C PRO A 285 2.75 4.80 -15.12
N ARG A 286 1.48 4.44 -15.06
CA ARG A 286 1.02 3.09 -15.28
C ARG A 286 -0.19 3.19 -16.22
N VAL A 287 0.08 3.46 -17.50
CA VAL A 287 -0.96 3.79 -18.45
C VAL A 287 -1.61 2.52 -19.02
N PRO A 288 -2.96 2.44 -19.00
CA PRO A 288 -3.62 1.21 -19.43
C PRO A 288 -3.19 0.77 -20.81
N GLY A 289 -2.77 -0.50 -20.92
CA GLY A 289 -2.37 -1.08 -22.17
C GLY A 289 -0.93 -0.82 -22.57
N ILE A 290 -0.22 -0.03 -21.77
CA ILE A 290 1.16 0.31 -22.07
C ILE A 290 2.07 -0.12 -20.92
N PRO A 291 2.91 -1.15 -21.15
CA PRO A 291 3.75 -1.59 -20.04
C PRO A 291 4.75 -0.50 -19.66
N ALA A 292 4.83 -0.19 -18.37
CA ALA A 292 5.71 0.90 -17.91
C ALA A 292 7.20 0.56 -18.04
N VAL A 293 8.03 1.58 -18.29
CA VAL A 293 9.47 1.34 -18.44
C VAL A 293 10.14 1.29 -17.07
N ILE A 294 9.55 1.98 -16.10
CA ILE A 294 10.00 1.93 -14.71
C ILE A 294 8.77 1.99 -13.80
N MET B 1 -4.55 -23.82 9.76
CA MET B 1 -5.72 -22.98 9.95
C MET B 1 -6.51 -22.82 8.66
N ASN B 2 -7.75 -23.30 8.66
CA ASN B 2 -8.62 -23.05 7.53
C ASN B 2 -9.13 -21.63 7.61
N ALA B 3 -9.98 -21.24 6.66
CA ALA B 3 -10.42 -19.86 6.56
C ALA B 3 -11.20 -19.42 7.78
N VAL B 4 -12.11 -20.27 8.22
CA VAL B 4 -12.93 -19.94 9.38
C VAL B 4 -12.08 -19.75 10.64
N GLU B 5 -11.10 -20.62 10.84
CA GLU B 5 -10.22 -20.47 11.99
C GLU B 5 -9.43 -19.17 11.93
N ILE B 6 -9.02 -18.76 10.73
CA ILE B 6 -8.22 -17.56 10.58
C ILE B 6 -8.99 -16.33 11.05
N ILE B 7 -10.26 -16.25 10.70
CA ILE B 7 -11.05 -15.06 11.03
C ILE B 7 -11.67 -15.17 12.44
N SER B 8 -11.45 -16.32 13.08
CA SER B 8 -11.94 -16.56 14.44
C SER B 8 -10.92 -16.15 15.51
N ARG B 9 -9.74 -15.73 15.10
CA ARG B 9 -8.74 -15.27 16.07
C ARG B 9 -9.12 -13.89 16.62
N ASP B 10 -8.64 -13.59 17.83
CA ASP B 10 -8.74 -12.24 18.40
C ASP B 10 -7.55 -11.42 17.96
N ILE B 11 -7.81 -10.27 17.36
CA ILE B 11 -6.72 -9.46 16.84
C ILE B 11 -6.98 -7.98 17.09
N TYR B 12 -8.04 -7.68 17.82
CA TYR B 12 -8.47 -6.30 17.99
C TYR B 12 -7.37 -5.43 18.61
N LYS B 13 -6.79 -5.88 19.71
CA LYS B 13 -5.77 -5.07 20.38
C LYS B 13 -4.54 -4.81 19.51
N ALA B 14 -4.09 -5.83 18.79
CA ALA B 14 -2.95 -5.64 17.90
C ALA B 14 -3.27 -4.61 16.82
N ILE B 15 -4.48 -4.65 16.29
CA ILE B 15 -4.85 -3.72 15.23
C ILE B 15 -5.03 -2.32 15.80
N ASP B 16 -5.52 -2.24 17.02
CA ASP B 16 -5.64 -0.97 17.72
C ASP B 16 -4.25 -0.33 17.85
N ILE B 17 -3.28 -1.12 18.30
CA ILE B 17 -1.91 -0.66 18.44
C ILE B 17 -1.33 -0.29 17.08
N GLN B 18 -1.63 -1.07 16.05
CA GLN B 18 -1.12 -0.80 14.71
C GLN B 18 -1.60 0.56 14.22
N THR B 19 -2.86 0.86 14.49
CA THR B 19 -3.46 2.13 14.07
C THR B 19 -2.71 3.30 14.74
N LYS B 20 -2.44 3.17 16.03
CA LYS B 20 -1.69 4.20 16.75
C LYS B 20 -0.25 4.35 16.25
N ILE B 21 0.36 3.24 15.87
CA ILE B 21 1.72 3.29 15.32
C ILE B 21 1.77 3.98 13.95
N LEU B 22 0.87 3.60 13.06
CA LEU B 22 0.81 4.22 11.74
C LEU B 22 0.47 5.71 11.83
N ASP B 23 -0.45 6.05 12.73
CA ASP B 23 -0.76 7.46 12.95
C ASP B 23 0.49 8.22 13.39
N TYR B 24 1.22 7.65 14.35
CA TYR B 24 2.42 8.31 14.89
C TYR B 24 3.52 8.43 13.83
N MET B 25 3.77 7.36 13.09
CA MET B 25 4.88 7.37 12.13
C MET B 25 4.62 8.24 10.90
N THR B 26 3.42 8.13 10.32
CA THR B 26 3.12 9.01 9.19
C THR B 26 3.20 10.49 9.58
N LYS B 27 2.68 10.84 10.75
CA LYS B 27 2.78 12.23 11.23
C LYS B 27 4.24 12.67 11.48
N PHE B 28 5.05 11.76 12.00
CA PHE B 28 6.47 12.05 12.24
C PHE B 28 7.14 12.55 10.96
N PHE B 29 6.87 11.87 9.86
CA PHE B 29 7.50 12.23 8.59
C PHE B 29 6.86 13.44 7.92
N THR B 30 5.54 13.53 7.93
CA THR B 30 4.92 14.73 7.31
C THR B 30 5.25 16.00 8.10
N ASP B 31 5.40 15.89 9.43
CA ASP B 31 5.83 17.03 10.24
C ASP B 31 7.21 17.54 9.88
N ARG B 32 8.02 16.69 9.27
CA ARG B 32 9.39 17.07 8.94
C ARG B 32 9.55 17.37 7.46
N GLY B 33 8.43 17.56 6.78
CA GLY B 33 8.45 18.03 5.40
C GLY B 33 8.66 16.95 4.35
N PHE B 34 8.47 15.69 4.73
CA PHE B 34 8.52 14.58 3.79
C PHE B 34 7.28 14.56 2.90
N LYS B 35 7.47 14.21 1.63
CA LYS B 35 6.36 13.96 0.72
C LYS B 35 5.90 12.53 0.88
N TRP B 36 4.58 12.32 0.82
CA TRP B 36 4.03 10.99 1.03
C TRP B 36 3.69 10.39 -0.33
N LEU B 37 4.48 9.41 -0.78
CA LEU B 37 4.27 8.77 -2.08
C LEU B 37 3.44 7.50 -1.95
N LEU B 38 2.86 7.07 -3.07
CA LEU B 38 2.13 5.80 -3.10
C LEU B 38 3.05 4.73 -3.64
N PRO B 39 2.77 3.46 -3.31
CA PRO B 39 3.65 2.37 -3.72
C PRO B 39 3.45 1.92 -5.16
N ILE B 40 4.43 1.21 -5.68
CA ILE B 40 4.24 0.47 -6.92
C ILE B 40 4.54 -0.99 -6.61
N MET B 41 3.80 -1.87 -7.27
CA MET B 41 3.92 -3.30 -7.00
C MET B 41 4.48 -4.07 -8.19
N LEU B 42 4.45 -3.44 -9.37
CA LEU B 42 4.97 -4.07 -10.58
C LEU B 42 5.95 -3.16 -11.33
N SER B 43 7.12 -3.70 -11.68
CA SER B 43 8.11 -2.93 -12.42
C SER B 43 9.11 -3.82 -13.14
N PRO B 44 9.69 -3.33 -14.25
CA PRO B 44 10.77 -4.06 -14.92
C PRO B 44 11.97 -4.21 -13.99
N ILE B 45 12.09 -3.36 -12.98
CA ILE B 45 13.22 -3.44 -12.06
C ILE B 45 12.78 -3.53 -10.59
N THR B 46 13.51 -4.29 -9.80
CA THR B 46 13.28 -4.28 -8.35
C THR B 46 14.56 -4.61 -7.58
N ASP B 47 14.54 -4.35 -6.28
CA ASP B 47 15.62 -4.70 -5.35
C ASP B 47 16.01 -6.17 -5.57
N PRO B 48 17.32 -6.45 -5.81
CA PRO B 48 17.74 -7.85 -5.96
C PRO B 48 17.83 -8.59 -4.63
N LEU B 49 17.96 -7.85 -3.52
CA LEU B 49 18.13 -8.47 -2.21
C LEU B 49 19.32 -9.42 -2.19
N TRP B 50 20.37 -9.05 -2.93
CA TRP B 50 21.54 -9.89 -3.10
C TRP B 50 22.66 -9.09 -3.76
N PRO B 51 23.92 -9.32 -3.34
CA PRO B 51 24.32 -10.22 -2.24
C PRO B 51 23.86 -9.68 -0.88
N ASP B 52 23.60 -10.57 0.07
CA ASP B 52 23.11 -10.17 1.39
C ASP B 52 23.20 -11.33 2.40
N PRO B 53 23.87 -11.09 3.53
CA PRO B 53 23.99 -12.10 4.60
C PRO B 53 22.61 -12.44 5.19
N ILE B 58 17.22 -15.66 -3.79
CA ILE B 58 15.78 -15.63 -3.98
C ILE B 58 15.37 -14.70 -5.11
N ARG B 59 14.72 -15.26 -6.13
CA ARG B 59 14.30 -14.51 -7.31
C ARG B 59 12.94 -13.88 -7.07
N PRO B 60 12.73 -12.67 -7.60
CA PRO B 60 11.42 -12.04 -7.45
C PRO B 60 10.36 -12.72 -8.32
N ALA B 61 9.14 -12.83 -7.79
CA ALA B 61 8.00 -13.34 -8.55
C ALA B 61 7.77 -12.44 -9.75
N GLU B 62 7.31 -13.02 -10.86
CA GLU B 62 7.11 -12.26 -12.09
C GLU B 62 5.72 -12.48 -12.65
N VAL B 63 5.27 -11.53 -13.45
CA VAL B 63 3.97 -11.64 -14.11
C VAL B 63 4.02 -10.87 -15.42
N ASP B 64 3.32 -11.35 -16.44
CA ASP B 64 3.32 -10.62 -17.71
C ASP B 64 2.30 -9.49 -17.69
N VAL B 65 2.77 -8.32 -18.09
CA VAL B 65 1.91 -7.14 -18.16
C VAL B 65 1.94 -6.62 -19.59
N TYR B 66 0.83 -6.81 -20.31
CA TYR B 66 0.74 -6.44 -21.72
C TYR B 66 1.97 -6.92 -22.52
N GLY B 67 2.37 -8.17 -22.30
CA GLY B 67 3.45 -8.77 -23.06
C GLY B 67 4.86 -8.55 -22.54
N VAL B 68 4.98 -7.83 -21.41
CA VAL B 68 6.29 -7.56 -20.84
C VAL B 68 6.41 -8.18 -19.45
N ARG B 69 7.53 -8.88 -19.23
CA ARG B 69 7.80 -9.49 -17.94
C ARG B 69 8.05 -8.43 -16.86
N MET B 70 7.18 -8.39 -15.85
CA MET B 70 7.34 -7.43 -14.76
C MET B 70 7.70 -8.18 -13.48
N ARG B 71 8.43 -7.52 -12.59
CA ARG B 71 8.77 -8.12 -11.30
C ARG B 71 7.87 -7.54 -10.22
N LEU B 72 7.42 -8.40 -9.30
CA LEU B 72 6.65 -7.93 -8.15
C LEU B 72 7.65 -7.34 -7.16
N THR B 73 7.23 -6.29 -6.47
CA THR B 73 8.15 -5.49 -5.65
C THR B 73 8.84 -6.25 -4.51
N HIS B 74 10.15 -6.44 -4.62
CA HIS B 74 10.95 -6.93 -3.50
C HIS B 74 11.12 -5.78 -2.51
N SER B 75 11.51 -4.62 -3.05
CA SER B 75 11.50 -3.36 -2.28
C SER B 75 11.57 -2.20 -3.27
N MET B 76 11.18 -1.01 -2.81
CA MET B 76 11.14 0.15 -3.68
C MET B 76 12.43 0.97 -3.66
N ILE B 77 13.52 0.36 -3.17
CA ILE B 77 14.78 1.09 -3.08
C ILE B 77 15.16 1.82 -4.37
N LEU B 78 15.06 1.15 -5.51
CA LEU B 78 15.50 1.81 -6.74
C LEU B 78 14.54 2.94 -7.09
N HIS B 79 13.26 2.75 -6.79
CA HIS B 79 12.28 3.78 -7.07
C HIS B 79 12.39 4.99 -6.14
N LYS B 80 12.88 4.78 -4.91
CA LYS B 80 13.14 5.88 -3.99
C LYS B 80 14.28 6.73 -4.52
N GLN B 81 15.33 6.08 -5.04
CA GLN B 81 16.43 6.82 -5.66
C GLN B 81 15.96 7.61 -6.87
N LEU B 82 15.01 7.05 -7.62
CA LEU B 82 14.44 7.76 -8.75
C LEU B 82 13.59 8.94 -8.32
N ALA B 83 12.85 8.80 -7.22
CA ALA B 83 12.06 9.91 -6.70
C ALA B 83 12.96 11.08 -6.28
N ILE B 84 14.13 10.76 -5.71
CA ILE B 84 15.10 11.79 -5.37
C ILE B 84 15.67 12.47 -6.63
N ALA B 85 15.87 11.68 -7.68
CA ALA B 85 16.33 12.23 -8.95
C ALA B 85 15.30 13.17 -9.57
N MET B 86 14.02 12.98 -9.24
CA MET B 86 12.95 13.86 -9.73
C MET B 86 12.87 15.14 -8.91
N GLY B 87 13.65 15.21 -7.84
CA GLY B 87 13.73 16.42 -7.03
C GLY B 87 12.66 16.57 -5.95
N LEU B 88 12.21 15.45 -5.39
CA LEU B 88 11.18 15.47 -4.37
C LEU B 88 11.77 15.66 -2.97
N GLU B 89 13.10 15.59 -2.87
CA GLU B 89 13.85 16.02 -1.68
C GLU B 89 13.84 15.06 -0.49
N LYS B 90 12.66 14.85 0.07
CA LYS B 90 12.45 13.94 1.19
C LYS B 90 11.14 13.24 0.92
N ILE B 91 11.17 11.91 0.88
CA ILE B 91 9.98 11.14 0.55
C ILE B 91 9.81 9.93 1.45
N PHE B 92 8.58 9.51 1.65
CA PHE B 92 8.36 8.21 2.27
C PHE B 92 7.16 7.55 1.62
N VAL B 93 7.04 6.25 1.82
CA VAL B 93 5.94 5.47 1.27
C VAL B 93 5.65 4.31 2.20
N LEU B 94 4.37 3.95 2.34
CA LEU B 94 3.98 2.70 3.00
C LEU B 94 3.99 1.62 1.92
N SER B 95 5.08 0.90 1.82
CA SER B 95 5.36 0.06 0.65
C SER B 95 5.18 -1.42 0.97
N PRO B 96 4.20 -2.09 0.32
CA PRO B 96 4.10 -3.54 0.47
C PRO B 96 5.20 -4.22 -0.33
N ASN B 97 5.76 -5.28 0.24
CA ASN B 97 6.81 -6.04 -0.40
C ASN B 97 6.36 -7.50 -0.51
N ILE B 98 6.83 -8.18 -1.54
CA ILE B 98 6.53 -9.60 -1.69
C ILE B 98 7.87 -10.33 -1.76
N ARG B 99 8.12 -11.20 -0.79
CA ARG B 99 9.38 -11.94 -0.74
C ARG B 99 9.09 -13.40 -0.40
N LEU B 100 9.20 -14.26 -1.41
CA LEU B 100 8.80 -15.65 -1.24
C LEU B 100 9.93 -16.51 -0.67
N GLU B 101 10.26 -16.26 0.59
CA GLU B 101 11.31 -17.01 1.26
C GLU B 101 10.84 -18.40 1.70
N SER B 102 11.78 -19.30 1.96
CA SER B 102 11.46 -20.69 2.25
C SER B 102 10.91 -20.92 3.66
N ARG B 103 10.46 -22.15 3.91
CA ARG B 103 9.97 -22.58 5.21
C ARG B 103 10.97 -22.30 6.33
N ARG B 104 12.26 -22.34 5.99
CA ARG B 104 13.31 -22.13 6.97
C ARG B 104 13.25 -20.74 7.60
N LYS B 105 12.70 -19.78 6.85
CA LYS B 105 12.58 -18.42 7.33
C LYS B 105 11.35 -18.21 8.21
N ASP B 106 10.58 -19.27 8.44
CA ASP B 106 9.44 -19.13 9.34
C ASP B 106 9.92 -19.17 10.78
N ASP B 107 10.50 -18.05 11.22
CA ASP B 107 11.12 -17.96 12.54
C ASP B 107 10.33 -17.08 13.51
N GLY B 108 9.16 -16.64 13.09
CA GLY B 108 8.30 -15.80 13.91
C GLY B 108 8.44 -14.33 13.59
N ARG B 109 9.41 -14.00 12.74
CA ARG B 109 9.78 -12.63 12.45
C ARG B 109 9.56 -12.31 10.97
N HIS B 110 9.31 -13.35 10.17
CA HIS B 110 9.18 -13.19 8.72
C HIS B 110 7.78 -13.48 8.22
N SER B 111 7.34 -12.68 7.25
CA SER B 111 6.10 -12.89 6.51
C SER B 111 6.42 -12.75 5.02
N TYR B 112 5.75 -13.51 4.15
CA TYR B 112 6.07 -13.39 2.72
C TYR B 112 5.43 -12.17 2.04
N GLU B 113 4.54 -11.50 2.75
CA GLU B 113 3.99 -10.21 2.36
C GLU B 113 4.05 -9.35 3.59
N PHE B 114 4.62 -8.15 3.46
CA PHE B 114 4.67 -7.23 4.58
C PHE B 114 4.77 -5.80 4.09
N THR B 115 4.62 -4.84 5.00
CA THR B 115 4.79 -3.44 4.61
C THR B 115 5.94 -2.80 5.37
N GLN B 116 6.75 -2.03 4.68
CA GLN B 116 7.72 -1.20 5.38
C GLN B 116 7.48 0.27 5.08
N LEU B 117 7.65 1.11 6.10
CA LEU B 117 7.64 2.53 5.88
C LEU B 117 9.04 2.84 5.38
N ASP B 118 9.12 3.21 4.12
CA ASP B 118 10.39 3.32 3.41
C ASP B 118 10.58 4.81 3.12
N PHE B 119 11.71 5.38 3.55
CA PHE B 119 11.94 6.80 3.32
C PHE B 119 13.34 7.09 2.77
N GLU B 120 13.48 8.22 2.07
CA GLU B 120 14.77 8.62 1.50
C GLU B 120 14.93 10.13 1.58
N ILE B 121 16.17 10.58 1.78
CA ILE B 121 16.47 11.98 1.95
C ILE B 121 17.66 12.39 1.10
N GLU B 122 17.45 13.34 0.20
CA GLU B 122 18.53 13.88 -0.62
C GLU B 122 19.63 14.48 0.28
N GLY B 123 20.87 14.07 0.03
CA GLY B 123 22.02 14.68 0.68
C GLY B 123 22.34 14.22 2.09
N ALA B 124 21.48 13.37 2.64
CA ALA B 124 21.64 12.93 4.02
C ALA B 124 22.81 11.97 4.17
N LYS B 125 23.44 11.99 5.36
CA LYS B 125 24.53 11.09 5.68
C LYS B 125 24.05 10.02 6.67
N MET B 126 24.82 8.94 6.83
CA MET B 126 24.37 7.82 7.65
C MET B 126 24.02 8.24 9.08
N LYS B 127 24.84 9.09 9.67
CA LYS B 127 24.58 9.52 11.04
C LYS B 127 23.32 10.40 11.18
N ASP B 128 22.97 11.15 10.13
CA ASP B 128 21.69 11.85 10.06
C ASP B 128 20.49 10.91 10.16
N VAL B 129 20.52 9.86 9.36
CA VAL B 129 19.39 8.95 9.30
C VAL B 129 19.27 8.16 10.60
N MET B 130 20.40 7.72 11.13
CA MET B 130 20.38 6.96 12.39
C MET B 130 19.81 7.82 13.52
N ARG B 131 20.24 9.07 13.60
CA ARG B 131 19.73 9.99 14.62
C ARG B 131 18.24 10.21 14.41
N LEU B 132 17.81 10.27 13.15
CA LEU B 132 16.39 10.48 12.85
C LEU B 132 15.55 9.27 13.26
N ILE B 133 16.07 8.07 13.01
CA ILE B 133 15.36 6.85 13.43
C ILE B 133 15.33 6.73 14.95
N GLU B 134 16.41 7.15 15.60
CA GLU B 134 16.46 7.12 17.05
C GLU B 134 15.40 8.06 17.64
N GLU B 135 15.24 9.22 17.02
CA GLU B 135 14.23 10.17 17.45
C GLU B 135 12.83 9.57 17.32
N LEU B 136 12.58 8.90 16.19
CA LEU B 136 11.30 8.26 15.94
C LEU B 136 11.01 7.14 16.94
N ILE B 137 11.98 6.25 17.12
CA ILE B 137 11.80 5.11 18.01
C ILE B 137 11.66 5.56 19.47
N TYR B 138 12.50 6.48 19.92
CA TYR B 138 12.39 6.98 21.30
C TYR B 138 11.00 7.52 21.57
N GLY B 139 10.51 8.39 20.69
CA GLY B 139 9.18 8.95 20.85
C GLY B 139 8.10 7.88 20.83
N LEU B 140 8.25 6.91 19.93
CA LEU B 140 7.24 5.86 19.79
C LEU B 140 7.17 5.03 21.07
N PHE B 141 8.33 4.71 21.64
CA PHE B 141 8.40 3.90 22.86
C PHE B 141 7.77 4.61 24.05
N ARG B 142 7.98 5.92 24.16
CA ARG B 142 7.37 6.69 25.24
C ARG B 142 5.84 6.69 25.12
N LYS B 143 5.33 6.77 23.89
CA LYS B 143 3.89 6.77 23.67
C LYS B 143 3.30 5.39 23.95
N ALA B 144 4.01 4.36 23.54
CA ALA B 144 3.53 3.00 23.71
C ALA B 144 3.37 2.68 25.18
N GLU B 145 4.19 3.32 26.01
CA GLU B 145 4.06 3.17 27.45
C GLU B 145 2.71 3.71 27.91
N GLU B 146 2.24 4.79 27.28
CA GLU B 146 0.93 5.32 27.57
C GLU B 146 -0.17 4.41 27.01
N TRP B 147 0.03 3.90 25.79
CA TRP B 147 -0.97 3.06 25.15
C TRP B 147 -1.19 1.74 25.87
N THR B 148 -0.10 1.15 26.38
CA THR B 148 -0.16 -0.20 26.90
C THR B 148 0.07 -0.29 28.40
N GLY B 149 0.50 0.80 29.02
CA GLY B 149 0.80 0.80 30.44
C GLY B 149 2.04 0.00 30.83
N ARG B 150 2.75 -0.53 29.84
CA ARG B 150 3.98 -1.31 30.10
C ARG B 150 5.24 -0.47 29.88
N GLU B 151 6.38 -1.02 30.27
CA GLU B 151 7.67 -0.34 30.18
C GLU B 151 8.43 -0.76 28.93
N PHE B 152 9.00 0.22 28.22
CA PHE B 152 9.81 -0.05 27.03
C PHE B 152 11.22 0.51 27.18
N PRO B 153 12.16 0.05 26.34
CA PRO B 153 13.55 0.51 26.38
C PRO B 153 13.64 2.04 26.42
N ARG B 154 14.59 2.55 27.20
CA ARG B 154 14.57 3.96 27.56
C ARG B 154 15.63 4.83 26.88
N ALA B 155 16.64 4.21 26.29
CA ALA B 155 17.77 4.96 25.69
C ALA B 155 17.35 5.91 24.56
N ARG B 156 17.98 7.08 24.53
CA ARG B 156 17.76 8.06 23.47
C ARG B 156 18.63 7.74 22.27
N HIS B 157 19.78 7.15 22.53
CA HIS B 157 20.69 6.73 21.46
C HIS B 157 21.15 5.31 21.72
N PHE B 158 21.38 4.56 20.63
CA PHE B 158 21.67 3.15 20.73
C PHE B 158 23.13 2.84 20.45
N LYS B 159 23.65 1.80 21.09
CA LYS B 159 25.04 1.42 20.89
C LYS B 159 25.24 1.01 19.44
N VAL B 160 26.42 1.30 18.92
CA VAL B 160 26.73 0.97 17.53
C VAL B 160 27.79 -0.12 17.49
N TYR B 161 27.44 -1.25 16.87
CA TYR B 161 28.39 -2.34 16.66
C TYR B 161 28.78 -2.41 15.19
N ASP B 162 30.06 -2.65 14.92
CA ASP B 162 30.48 -2.97 13.56
C ASP B 162 30.07 -4.41 13.26
N TYR B 163 29.63 -4.67 12.04
CA TYR B 163 29.25 -6.02 11.64
C TYR B 163 30.26 -7.06 12.12
N LYS B 164 31.54 -6.79 11.91
CA LYS B 164 32.60 -7.71 12.29
C LYS B 164 32.58 -8.03 13.77
N ASP B 165 32.41 -7.02 14.61
CA ASP B 165 32.40 -7.19 16.06
C ASP B 165 31.19 -7.99 16.53
N ILE B 166 30.11 -7.93 15.76
CA ILE B 166 28.94 -8.74 16.06
C ILE B 166 29.23 -10.22 15.78
N LEU B 167 29.81 -10.50 14.62
CA LEU B 167 30.18 -11.87 14.28
C LEU B 167 31.20 -12.40 15.26
N GLU B 168 32.10 -11.51 15.69
CA GLU B 168 33.14 -11.87 16.64
C GLU B 168 32.55 -12.27 17.99
N GLU B 169 31.72 -11.40 18.54
CA GLU B 169 31.24 -11.57 19.92
C GLU B 169 30.04 -12.50 20.05
N PHE B 170 29.11 -12.44 19.11
CA PHE B 170 27.84 -13.18 19.23
C PHE B 170 27.64 -14.24 18.16
N GLY B 171 28.49 -14.24 17.13
CA GLY B 171 28.37 -15.19 16.04
C GLY B 171 27.40 -14.74 14.97
N SER B 172 26.23 -14.25 15.40
CA SER B 172 25.23 -13.75 14.44
C SER B 172 24.41 -12.64 15.06
N ASP B 173 23.76 -11.85 14.21
CA ASP B 173 22.86 -10.80 14.68
C ASP B 173 21.72 -11.43 15.48
N GLU B 174 21.52 -12.72 15.28
CA GLU B 174 20.49 -13.48 15.98
C GLU B 174 20.79 -13.52 17.47
N LYS B 175 21.91 -14.18 17.80
CA LYS B 175 22.34 -14.32 19.19
C LYS B 175 22.45 -12.95 19.86
N ALA B 176 22.93 -11.97 19.10
CA ALA B 176 23.07 -10.62 19.60
C ALA B 176 21.73 -10.07 20.11
N SER B 177 20.70 -10.18 19.29
CA SER B 177 19.37 -9.69 19.67
C SER B 177 18.92 -10.28 21.01
N MET B 178 19.10 -11.58 21.17
CA MET B 178 18.66 -12.28 22.38
C MET B 178 19.36 -11.78 23.65
N GLU B 179 20.58 -11.31 23.51
CA GLU B 179 21.41 -10.94 24.65
C GLU B 179 21.21 -9.50 25.12
N MET B 180 20.64 -8.65 24.27
CA MET B 180 20.52 -7.22 24.56
C MET B 180 19.18 -6.83 25.19
N GLU B 181 19.15 -5.69 25.87
CA GLU B 181 17.92 -5.17 26.45
C GLU B 181 17.56 -3.80 25.89
N GLU B 182 18.41 -3.30 25.01
CA GLU B 182 18.18 -2.03 24.33
C GLU B 182 18.35 -2.28 22.84
N PRO B 183 17.67 -1.47 22.01
CA PRO B 183 17.90 -1.52 20.57
C PRO B 183 19.37 -1.20 20.32
N PHE B 184 19.96 -1.75 19.27
CA PHE B 184 21.34 -1.45 18.94
C PHE B 184 21.55 -1.47 17.44
N TRP B 185 22.58 -0.76 17.00
CA TRP B 185 22.88 -0.65 15.58
C TRP B 185 23.95 -1.65 15.20
N ILE B 186 23.81 -2.22 14.01
CA ILE B 186 24.91 -2.93 13.38
C ILE B 186 25.25 -2.18 12.10
N VAL B 187 26.50 -1.78 11.95
CA VAL B 187 26.88 -0.97 10.80
C VAL B 187 27.97 -1.65 9.97
N ASN B 188 28.13 -1.19 8.74
CA ASN B 188 29.26 -1.61 7.90
C ASN B 188 29.11 -3.05 7.45
N ILE B 189 27.98 -3.32 6.80
CA ILE B 189 27.62 -4.66 6.36
C ILE B 189 27.72 -4.73 4.84
N PRO B 190 28.64 -5.54 4.31
CA PRO B 190 28.73 -5.66 2.86
C PRO B 190 27.46 -6.27 2.26
N ARG B 191 26.86 -5.60 1.29
CA ARG B 191 25.65 -6.13 0.64
C ARG B 191 25.37 -5.60 -0.78
N GLU B 192 24.17 -5.06 -1.01
CA GLU B 192 23.73 -4.74 -2.38
C GLU B 192 24.45 -3.55 -2.99
N PHE B 193 24.36 -3.44 -4.31
CA PHE B 193 25.11 -2.42 -5.06
C PHE B 193 24.70 -0.98 -4.76
N TYR B 194 23.45 -0.78 -4.35
CA TYR B 194 22.96 0.58 -4.13
C TYR B 194 23.48 1.22 -2.84
N ASP B 195 23.98 0.40 -1.93
CA ASP B 195 24.51 0.92 -0.67
C ASP B 195 25.91 1.46 -0.88
N ARG B 196 26.18 2.67 -0.38
CA ARG B 196 27.45 3.34 -0.62
C ARG B 196 28.61 2.66 0.10
N GLU B 197 29.69 2.44 -0.62
CA GLU B 197 30.91 1.91 -0.05
C GLU B 197 32.06 2.85 -0.35
N GLU B 198 32.82 3.20 0.68
CA GLU B 198 33.96 4.11 0.53
C GLU B 198 35.15 3.56 1.27
N ASN B 199 36.23 3.30 0.54
CA ASN B 199 37.47 2.84 1.15
C ASN B 199 37.26 1.57 1.97
N GLY B 200 36.43 0.67 1.43
CA GLY B 200 36.14 -0.60 2.09
C GLY B 200 35.10 -0.51 3.18
N VAL B 201 34.63 0.72 3.45
CA VAL B 201 33.64 0.94 4.51
C VAL B 201 32.26 1.16 3.92
N TRP B 202 31.31 0.28 4.27
CA TRP B 202 29.94 0.40 3.82
C TRP B 202 29.19 1.35 4.75
N LYS B 203 28.59 2.39 4.16
CA LYS B 203 27.91 3.43 4.93
C LYS B 203 26.44 3.04 5.17
N ASN B 204 26.24 1.95 5.89
CA ASN B 204 24.89 1.41 6.09
C ASN B 204 24.66 0.93 7.52
N TYR B 205 23.44 0.53 7.83
CA TYR B 205 23.04 0.35 9.21
C TYR B 205 21.76 -0.47 9.35
N ASP B 206 21.73 -1.35 10.36
CA ASP B 206 20.52 -2.09 10.71
C ASP B 206 20.19 -1.79 12.16
N LEU B 207 18.92 -1.52 12.45
CA LEU B 207 18.51 -1.34 13.84
C LEU B 207 17.89 -2.64 14.34
N ILE B 208 18.47 -3.18 15.40
CA ILE B 208 18.07 -4.45 15.95
C ILE B 208 17.36 -4.24 17.28
N LEU B 209 16.19 -4.86 17.42
CA LEU B 209 15.46 -4.79 18.68
C LEU B 209 16.00 -5.79 19.68
N PRO B 210 15.82 -5.51 20.97
CA PRO B 210 16.29 -6.39 22.05
C PRO B 210 15.39 -7.61 22.27
N TYR B 211 15.80 -8.47 23.20
CA TYR B 211 14.97 -9.58 23.65
C TYR B 211 14.67 -10.60 22.56
N GLY B 212 15.55 -10.67 21.57
CA GLY B 212 15.40 -11.63 20.47
C GLY B 212 14.45 -11.23 19.35
N TYR B 213 13.84 -10.05 19.42
CA TYR B 213 12.86 -9.68 18.39
C TYR B 213 13.52 -9.41 17.03
N GLY B 214 14.81 -9.10 17.03
CA GLY B 214 15.56 -8.96 15.80
C GLY B 214 15.41 -7.63 15.09
N GLU B 215 15.85 -7.60 13.83
CA GLU B 215 15.91 -6.37 13.05
C GLU B 215 14.56 -5.71 12.84
N VAL B 216 14.52 -4.39 12.96
CA VAL B 216 13.27 -3.64 12.72
C VAL B 216 13.44 -2.58 11.61
N SER B 217 14.67 -2.17 11.36
CA SER B 217 14.92 -1.16 10.32
C SER B 217 16.30 -1.38 9.69
N SER B 218 16.44 -0.97 8.43
CA SER B 218 17.67 -1.16 7.69
C SER B 218 17.76 -0.08 6.64
N GLY B 219 18.96 0.47 6.42
CA GLY B 219 19.11 1.48 5.39
C GLY B 219 20.57 1.76 5.11
N GLY B 220 20.83 2.90 4.50
CA GLY B 220 22.19 3.31 4.22
C GLY B 220 22.29 4.50 3.30
N GLU B 221 23.50 4.98 3.11
CA GLU B 221 23.76 5.97 2.08
C GLU B 221 23.83 5.25 0.75
N ARG B 222 23.62 6.00 -0.33
CA ARG B 222 23.53 5.36 -1.64
C ARG B 222 24.69 5.67 -2.56
N GLU B 223 24.99 4.71 -3.43
CA GLU B 223 25.82 4.98 -4.59
C GLU B 223 24.97 5.74 -5.60
N TRP B 224 25.56 6.68 -6.32
CA TRP B 224 24.82 7.45 -7.31
C TRP B 224 25.60 7.56 -8.63
N GLU B 225 26.85 7.11 -8.59
CA GLU B 225 27.73 7.24 -9.76
C GLU B 225 27.70 6.00 -10.63
N TYR B 226 27.42 6.20 -11.91
CA TYR B 226 27.28 5.11 -12.88
C TYR B 226 28.39 4.06 -12.83
N GLU B 227 29.63 4.50 -12.99
CA GLU B 227 30.74 3.55 -13.07
C GLU B 227 30.80 2.66 -11.83
N LYS B 228 30.62 3.27 -10.67
CA LYS B 228 30.72 2.56 -9.40
C LYS B 228 29.58 1.57 -9.24
N ILE B 229 28.38 1.98 -9.63
CA ILE B 229 27.20 1.12 -9.54
C ILE B 229 27.35 -0.13 -10.43
N VAL B 230 27.73 0.07 -11.69
CA VAL B 230 27.86 -1.05 -12.61
C VAL B 230 28.96 -2.02 -12.19
N ALA B 231 30.05 -1.49 -11.64
CA ALA B 231 31.15 -2.32 -11.14
C ALA B 231 30.68 -3.30 -10.05
N LYS B 232 29.89 -2.79 -9.11
CA LYS B 232 29.39 -3.63 -8.03
C LYS B 232 28.39 -4.67 -8.52
N ILE B 233 27.58 -4.30 -9.51
CA ILE B 233 26.61 -5.23 -10.11
C ILE B 233 27.31 -6.38 -10.82
N ARG B 234 28.24 -6.04 -11.71
CA ARG B 234 29.01 -7.06 -12.40
C ARG B 234 29.75 -7.94 -11.40
N ALA B 235 30.45 -7.30 -10.46
CA ALA B 235 31.22 -8.01 -9.44
C ALA B 235 30.36 -9.01 -8.68
N ALA B 236 29.08 -8.68 -8.47
CA ALA B 236 28.18 -9.54 -7.72
C ALA B 236 27.60 -10.67 -8.56
N GLY B 237 27.78 -10.59 -9.87
CA GLY B 237 27.27 -11.62 -10.76
C GLY B 237 25.85 -11.36 -11.20
N LEU B 238 25.36 -10.15 -10.92
CA LEU B 238 24.03 -9.75 -11.39
C LEU B 238 24.11 -9.30 -12.85
N LYS B 239 23.03 -9.49 -13.59
CA LYS B 239 22.97 -9.06 -14.99
C LYS B 239 22.52 -7.60 -15.07
N GLU B 240 23.25 -6.80 -15.84
CA GLU B 240 22.95 -5.37 -15.96
C GLU B 240 21.58 -5.08 -16.58
N ASP B 241 21.12 -5.92 -17.49
CA ASP B 241 19.85 -5.67 -18.17
C ASP B 241 18.66 -5.88 -17.25
N SER B 242 18.93 -6.37 -16.04
CA SER B 242 17.89 -6.50 -15.02
C SER B 242 17.64 -5.15 -14.38
N PHE B 243 18.49 -4.18 -14.68
CA PHE B 243 18.41 -2.86 -14.07
C PHE B 243 18.54 -1.73 -15.10
N ARG B 244 18.15 -2.00 -16.33
CA ARG B 244 18.46 -1.13 -17.46
C ARG B 244 18.00 0.33 -17.35
N PRO B 245 16.69 0.55 -17.13
CA PRO B 245 16.23 1.95 -17.08
C PRO B 245 16.84 2.72 -15.91
N TYR B 246 17.14 2.00 -14.83
CA TYR B 246 17.84 2.59 -13.69
C TYR B 246 19.23 3.03 -14.10
N LEU B 247 19.98 2.12 -14.73
CA LEU B 247 21.35 2.40 -15.15
C LEU B 247 21.39 3.48 -16.21
N GLU B 248 20.31 3.61 -16.97
CA GLU B 248 20.23 4.66 -17.97
C GLU B 248 20.17 6.01 -17.28
N ILE B 249 19.42 6.07 -16.19
CA ILE B 249 19.33 7.28 -15.38
C ILE B 249 20.67 7.56 -14.71
N ALA B 250 21.33 6.50 -14.23
CA ALA B 250 22.64 6.64 -13.61
C ALA B 250 23.67 7.12 -14.62
N ARG B 251 23.62 6.54 -15.82
CA ARG B 251 24.54 6.91 -16.89
C ARG B 251 24.33 8.37 -17.28
N ALA B 252 23.09 8.82 -17.25
CA ALA B 252 22.77 10.21 -17.55
C ALA B 252 23.23 11.14 -16.45
N GLY B 253 23.72 10.57 -15.35
CA GLY B 253 24.22 11.34 -14.23
C GLY B 253 23.13 12.06 -13.45
N LYS B 254 21.96 11.45 -13.36
CA LYS B 254 20.83 12.10 -12.69
C LYS B 254 20.54 11.56 -11.29
N LEU B 255 21.22 10.48 -10.90
CA LEU B 255 21.10 10.02 -9.52
C LEU B 255 21.79 11.05 -8.62
N LYS B 256 21.29 11.22 -7.41
CA LYS B 256 21.84 12.20 -6.48
C LYS B 256 22.26 11.49 -5.20
N PRO B 257 23.27 12.02 -4.50
CA PRO B 257 23.60 11.47 -3.19
C PRO B 257 22.39 11.52 -2.27
N SER B 258 22.14 10.43 -1.55
CA SER B 258 21.05 10.41 -0.58
C SER B 258 21.25 9.28 0.44
N ALA B 259 20.38 9.24 1.43
CA ALA B 259 20.40 8.15 2.42
C ALA B 259 18.98 7.92 2.89
N GLY B 260 18.68 6.72 3.35
CA GLY B 260 17.34 6.40 3.79
C GLY B 260 17.31 5.09 4.55
N ALA B 261 16.10 4.59 4.76
CA ALA B 261 15.92 3.36 5.52
C ALA B 261 14.49 2.89 5.34
N GLY B 262 14.26 1.63 5.70
CA GLY B 262 12.91 1.09 5.74
C GLY B 262 12.64 0.61 7.15
N ILE B 263 11.42 0.79 7.61
CA ILE B 263 11.02 0.34 8.93
C ILE B 263 9.89 -0.69 8.78
N GLY B 264 10.09 -1.92 9.25
CA GLY B 264 9.07 -2.95 9.11
C GLY B 264 7.89 -2.72 10.05
N VAL B 265 6.72 -2.40 9.50
CA VAL B 265 5.57 -2.04 10.33
C VAL B 265 5.08 -3.21 11.22
N GLU B 266 4.85 -4.38 10.64
CA GLU B 266 4.40 -5.53 11.41
C GLU B 266 5.40 -5.94 12.50
N ARG B 267 6.69 -5.83 12.20
CA ARG B 267 7.71 -6.15 13.18
C ARG B 267 7.63 -5.20 14.36
N LEU B 268 7.32 -3.95 14.08
CA LEU B 268 7.15 -2.96 15.13
C LEU B 268 5.90 -3.24 15.96
N VAL B 269 4.79 -3.57 15.29
CA VAL B 269 3.55 -3.89 16.00
C VAL B 269 3.79 -5.10 16.91
N ARG B 270 4.43 -6.13 16.35
CA ARG B 270 4.74 -7.33 17.11
C ARG B 270 5.51 -7.01 18.39
N PHE B 271 6.51 -6.14 18.29
CA PHE B 271 7.33 -5.79 19.46
C PHE B 271 6.50 -5.12 20.55
N ILE B 272 5.68 -4.15 20.15
CA ILE B 272 4.90 -3.33 21.07
C ILE B 272 3.76 -4.12 21.71
N VAL B 273 3.11 -5.02 20.96
CA VAL B 273 2.11 -5.89 21.55
C VAL B 273 2.77 -7.05 22.31
N GLY B 274 4.02 -7.34 21.97
CA GLY B 274 4.73 -8.45 22.59
C GLY B 274 4.28 -9.81 22.09
N ALA B 275 3.97 -9.90 20.79
CA ALA B 275 3.48 -11.14 20.20
C ALA B 275 4.58 -12.16 19.90
N LYS B 276 4.29 -13.42 20.19
CA LYS B 276 5.21 -14.52 19.98
C LYS B 276 5.55 -14.73 18.50
N HIS B 277 4.57 -14.52 17.64
CA HIS B 277 4.76 -14.76 16.22
C HIS B 277 4.13 -13.61 15.45
N ILE B 278 4.78 -13.17 14.39
CA ILE B 278 4.33 -12.02 13.61
C ILE B 278 2.94 -12.26 13.02
N ALA B 279 2.60 -13.51 12.76
CA ALA B 279 1.30 -13.83 12.20
C ALA B 279 0.17 -13.39 13.13
N GLU B 280 0.46 -13.28 14.42
CA GLU B 280 -0.57 -12.94 15.40
C GLU B 280 -1.05 -11.49 15.28
N VAL B 281 -0.26 -10.64 14.62
CA VAL B 281 -0.66 -9.25 14.40
C VAL B 281 -1.18 -8.99 12.98
N GLN B 282 -1.34 -10.05 12.19
CA GLN B 282 -1.81 -9.92 10.81
C GLN B 282 -3.17 -10.57 10.61
N PRO B 283 -4.15 -9.81 10.14
CA PRO B 283 -5.50 -10.36 9.94
C PRO B 283 -5.48 -11.53 8.95
N PHE B 284 -4.59 -11.47 7.95
CA PHE B 284 -4.48 -12.55 6.97
C PHE B 284 -3.03 -12.97 6.92
N PRO B 285 -2.69 -14.00 7.69
CA PRO B 285 -1.29 -14.42 7.80
C PRO B 285 -0.67 -14.81 6.46
N ARG B 286 0.62 -14.49 6.32
CA ARG B 286 1.40 -14.82 5.15
C ARG B 286 2.69 -15.48 5.64
N VAL B 287 2.58 -16.73 6.08
CA VAL B 287 3.70 -17.44 6.68
C VAL B 287 4.63 -18.08 5.66
N PRO B 288 5.94 -17.80 5.77
CA PRO B 288 6.87 -18.36 4.78
C PRO B 288 6.70 -19.87 4.62
N GLY B 289 6.53 -20.30 3.38
CA GLY B 289 6.41 -21.70 3.07
C GLY B 289 4.99 -22.22 3.14
N ILE B 290 4.08 -21.41 3.66
CA ILE B 290 2.68 -21.81 3.76
C ILE B 290 1.80 -20.88 2.93
N PRO B 291 1.40 -21.32 1.73
CA PRO B 291 0.56 -20.46 0.89
C PRO B 291 -0.74 -20.11 1.61
N ALA B 292 -1.10 -18.84 1.61
CA ALA B 292 -2.23 -18.36 2.42
C ALA B 292 -3.55 -18.95 1.96
N VAL B 293 -4.41 -19.30 2.92
CA VAL B 293 -5.74 -19.81 2.64
C VAL B 293 -6.64 -18.66 2.18
N ILE B 294 -6.41 -17.49 2.76
CA ILE B 294 -7.12 -16.26 2.38
C ILE B 294 -6.18 -15.09 2.53
P AMP C . -13.63 0.23 -7.28
O1P AMP C . -15.05 0.50 -6.88
O2P AMP C . -12.84 -0.79 -6.49
O3P AMP C . -13.56 -0.12 -8.77
O5' AMP C . -12.81 1.58 -7.33
C5' AMP C . -12.76 2.45 -6.20
C4' AMP C . -12.20 3.78 -6.60
O4' AMP C . -10.84 3.61 -7.05
C3' AMP C . -12.92 4.43 -7.78
O3' AMP C . -14.08 5.15 -7.40
C2' AMP C . -11.83 5.30 -8.40
O2' AMP C . -11.71 6.52 -7.69
C1' AMP C . -10.58 4.48 -8.13
N9 AMP C . -10.20 3.66 -9.29
C8 AMP C . -10.84 2.55 -9.71
N7 AMP C . -10.23 2.04 -10.81
C5 AMP C . -9.18 2.85 -11.09
C6 AMP C . -8.11 2.87 -12.09
N6 AMP C . -8.05 1.92 -13.05
N1 AMP C . -7.22 3.88 -12.02
C2 AMP C . -7.26 4.84 -11.06
N3 AMP C . -8.21 4.88 -10.11
C4 AMP C . -9.17 3.92 -10.08
MG MG D . -17.13 -1.06 -9.99
P AMP E . 14.91 -4.51 3.89
O1P AMP E . 16.17 -3.79 4.31
O2P AMP E . 14.17 -4.00 2.68
O3P AMP E . 15.17 -5.98 3.75
O5' AMP E . 13.91 -4.59 5.13
C5' AMP E . 13.39 -3.41 5.74
C4' AMP E . 12.63 -3.76 6.99
O4' AMP E . 11.42 -4.49 6.63
C3' AMP E . 13.36 -4.68 7.95
O3' AMP E . 14.24 -3.97 8.81
C2' AMP E . 12.22 -5.38 8.69
O2' AMP E . 11.70 -4.57 9.73
C1' AMP E . 11.17 -5.50 7.59
N9 AMP E . 11.21 -6.81 6.90
C8 AMP E . 12.11 -7.22 5.98
N7 AMP E . 11.82 -8.48 5.54
C5 AMP E . 10.71 -8.88 6.19
C6 AMP E . 9.83 -10.08 6.20
N6 AMP E . 10.11 -11.16 5.42
N1 AMP E . 8.77 -10.08 7.03
C2 AMP E . 8.48 -9.03 7.83
N3 AMP E . 9.21 -7.91 7.86
C4 AMP E . 10.31 -7.78 7.07
#